data_8OXH
#
_entry.id   8OXH
#
_cell.length_a   62.451
_cell.length_b   62.451
_cell.length_c   202.322
_cell.angle_alpha   90.000
_cell.angle_beta   90.000
_cell.angle_gamma   120.000
#
_symmetry.space_group_name_H-M   'P 65 2 2'
#
loop_
_entity.id
_entity.type
_entity.pdbx_description
1 polymer AVRA6
2 water water
#
_entity_poly.entity_id   1
_entity_poly.type   'polypeptide(L)'
_entity_poly.pdbx_seq_one_letter_code
;AANLYYKCDVGDSVNLEEVLNMDCDAALTENRDEHPRIPTGESHKSYFFTKRACRDRLGLACYLLQVYGYPKKYQFSQYS
NMEWKVCSLQDIR
;
_entity_poly.pdbx_strand_id   A,B
#
# COMPACT_ATOMS: atom_id res chain seq x y z
N ALA A 1 -2.07 14.46 -18.67
CA ALA A 1 -1.26 14.21 -19.86
C ALA A 1 -0.83 12.73 -19.92
N ALA A 2 -0.19 12.34 -21.03
CA ALA A 2 0.28 10.97 -21.23
C ALA A 2 1.75 10.88 -21.62
N ASN A 3 2.41 12.00 -21.90
CA ASN A 3 3.82 12.08 -22.24
C ASN A 3 4.71 12.09 -21.02
N LEU A 4 4.16 11.83 -19.85
CA LEU A 4 4.92 12.01 -18.65
C LEU A 4 4.85 10.74 -17.82
N TYR A 5 5.76 10.65 -16.86
CA TYR A 5 5.82 9.49 -15.98
C TYR A 5 6.68 9.87 -14.78
N TYR A 6 6.55 9.06 -13.73
CA TYR A 6 7.34 9.24 -12.52
C TYR A 6 8.51 8.26 -12.55
N LYS A 7 9.71 8.75 -12.28
CA LYS A 7 10.88 7.91 -12.18
C LYS A 7 11.18 7.74 -10.70
N CYS A 8 10.99 6.52 -10.20
CA CYS A 8 11.11 6.24 -8.79
C CYS A 8 12.47 5.66 -8.49
N ASP A 9 13.10 6.22 -7.48
CA ASP A 9 14.26 5.62 -6.84
C ASP A 9 14.01 4.14 -6.62
N VAL A 10 14.47 3.30 -7.54
CA VAL A 10 14.25 1.85 -7.50
C VAL A 10 12.88 1.46 -8.02
N GLY A 11 12.85 0.51 -8.94
CA GLY A 11 11.60 -0.03 -9.45
C GLY A 11 11.28 0.48 -10.85
N ASP A 12 10.21 -0.10 -11.39
CA ASP A 12 9.68 0.30 -12.67
C ASP A 12 9.16 1.74 -12.59
N SER A 13 8.89 2.30 -13.76
CA SER A 13 8.24 3.58 -13.80
C SER A 13 6.84 3.47 -13.21
N VAL A 14 6.26 4.64 -12.95
CA VAL A 14 4.87 4.77 -12.53
C VAL A 14 4.27 5.85 -13.40
N ASN A 15 3.17 5.54 -14.06
CA ASN A 15 2.61 6.52 -15.00
C ASN A 15 1.56 7.40 -14.33
N LEU A 16 1.31 8.54 -14.98
CA LEU A 16 0.48 9.60 -14.42
C LEU A 16 -0.85 9.09 -13.90
N GLU A 17 -1.43 8.09 -14.56
CA GLU A 17 -2.81 7.69 -14.27
C GLU A 17 -2.94 6.86 -13.00
N GLU A 18 -1.89 6.12 -12.58
CA GLU A 18 -1.99 5.41 -11.32
C GLU A 18 -1.96 6.38 -10.14
N VAL A 19 -1.16 7.44 -10.25
CA VAL A 19 -1.14 8.44 -9.18
C VAL A 19 -2.51 9.06 -9.03
N LEU A 20 -3.17 9.37 -10.14
CA LEU A 20 -4.51 9.93 -10.02
C LEU A 20 -5.41 9.01 -9.21
N ASN A 21 -5.37 7.70 -9.51
CA ASN A 21 -6.20 6.77 -8.77
C ASN A 21 -5.89 6.79 -7.29
N MET A 22 -4.69 7.22 -6.90
CA MET A 22 -4.41 7.37 -5.47
C MET A 22 -5.19 8.48 -4.82
N ASP A 23 -5.64 9.50 -5.57
CA ASP A 23 -6.43 10.62 -5.04
C ASP A 23 -7.89 10.21 -4.83
N CYS A 24 -8.12 9.36 -3.82
CA CYS A 24 -9.49 9.04 -3.39
C CYS A 24 -9.51 8.75 -1.89
N ASP A 25 -10.72 8.70 -1.32
CA ASP A 25 -10.89 8.46 0.11
C ASP A 25 -10.36 7.11 0.58
N ALA A 26 -10.27 6.11 -0.30
CA ALA A 26 -9.92 4.77 0.15
C ALA A 26 -8.47 4.69 0.62
N ALA A 27 -7.58 5.52 0.06
CA ALA A 27 -6.14 5.47 0.28
C ALA A 27 -5.64 6.43 1.36
N LEU A 28 -6.54 7.16 2.03
CA LEU A 28 -6.15 8.18 2.99
C LEU A 28 -5.31 7.57 4.11
N THR A 29 -4.08 8.06 4.29
CA THR A 29 -3.29 7.71 5.46
C THR A 29 -3.00 8.98 6.24
N GLU A 30 -2.83 8.83 7.55
CA GLU A 30 -2.32 9.88 8.41
C GLU A 30 -0.93 10.34 7.95
N ASN A 31 -0.69 11.66 8.03
CA ASN A 31 0.62 12.23 7.72
C ASN A 31 1.59 12.03 8.89
N ARG A 32 2.87 11.88 8.58
CA ARG A 32 3.84 11.49 9.59
C ARG A 32 5.16 12.20 9.33
N ASP A 33 5.89 12.52 10.41
CA ASP A 33 7.23 13.11 10.29
C ASP A 33 8.12 12.32 9.33
N GLU A 34 7.87 11.00 9.19
CA GLU A 34 8.61 10.18 8.24
C GLU A 34 8.39 10.67 6.81
N HIS A 35 7.19 11.15 6.50
CA HIS A 35 6.86 11.48 5.13
C HIS A 35 7.74 12.61 4.61
N PRO A 36 7.88 12.72 3.29
CA PRO A 36 8.68 13.81 2.74
C PRO A 36 7.96 15.12 2.99
N ARG A 37 8.73 16.13 3.37
CA ARG A 37 8.13 17.43 3.66
C ARG A 37 7.50 18.03 2.39
N ILE A 38 6.38 18.74 2.59
CA ILE A 38 5.71 19.48 1.51
C ILE A 38 6.55 20.70 1.14
N PRO A 39 6.89 20.90 -0.14
CA PRO A 39 7.95 21.89 -0.46
C PRO A 39 7.55 23.34 -0.24
N THR A 40 6.26 23.65 -0.27
CA THR A 40 5.79 25.01 -0.07
C THR A 40 5.45 25.31 1.38
N GLY A 41 5.13 24.29 2.16
CA GLY A 41 4.64 24.44 3.51
C GLY A 41 3.13 24.29 3.68
N GLU A 42 2.38 24.14 2.58
CA GLU A 42 0.93 24.11 2.65
C GLU A 42 0.43 22.85 3.36
N SER A 43 -0.82 22.93 3.84
CA SER A 43 -1.47 21.75 4.36
C SER A 43 -1.52 20.70 3.28
N HIS A 44 -1.50 19.43 3.69
CA HIS A 44 -1.53 18.36 2.71
C HIS A 44 -2.28 17.15 3.25
N LYS A 45 -2.82 16.37 2.32
CA LYS A 45 -3.32 15.02 2.57
C LYS A 45 -2.40 13.99 1.92
N SER A 46 -2.40 12.79 2.47
CA SER A 46 -1.47 11.72 2.10
C SER A 46 -2.24 10.47 1.68
N TYR A 47 -1.61 9.65 0.83
CA TYR A 47 -2.30 8.52 0.22
C TYR A 47 -1.32 7.39 -0.01
N PHE A 48 -1.68 6.19 0.44
CA PHE A 48 -0.79 5.04 0.46
C PHE A 48 -1.23 3.99 -0.57
N PHE A 49 -0.28 3.49 -1.37
CA PHE A 49 -0.58 2.47 -2.39
C PHE A 49 0.61 1.53 -2.53
N THR A 50 0.33 0.28 -2.91
CA THR A 50 1.36 -0.73 -3.11
C THR A 50 1.18 -1.43 -4.45
N LYS A 51 2.30 -1.76 -5.09
CA LYS A 51 2.31 -2.50 -6.34
C LYS A 51 3.67 -3.18 -6.46
N ARG A 52 3.78 -4.08 -7.42
CA ARG A 52 5.06 -4.74 -7.65
C ARG A 52 6.08 -3.71 -8.09
N ALA A 53 7.22 -3.66 -7.41
CA ALA A 53 8.27 -2.73 -7.78
C ALA A 53 8.66 -2.92 -9.24
N CYS A 54 9.10 -4.13 -9.58
CA CYS A 54 9.32 -4.60 -10.94
C CYS A 54 8.37 -5.74 -11.25
N ARG A 55 7.76 -5.71 -12.42
CA ARG A 55 6.93 -6.84 -12.82
C ARG A 55 7.75 -8.03 -13.30
N ASP A 56 9.08 -7.93 -13.31
CA ASP A 56 9.89 -9.07 -13.68
C ASP A 56 10.23 -9.96 -12.49
N ARG A 57 10.40 -9.37 -11.30
CA ARG A 57 10.71 -10.13 -10.11
C ARG A 57 9.61 -9.93 -9.08
N LEU A 58 9.60 -10.79 -8.06
CA LEU A 58 8.68 -10.57 -6.95
C LEU A 58 9.08 -9.32 -6.17
N GLY A 59 8.19 -8.89 -5.29
CA GLY A 59 8.51 -7.73 -4.49
C GLY A 59 7.49 -6.62 -4.54
N LEU A 60 6.95 -6.27 -3.39
CA LEU A 60 5.99 -5.19 -3.27
C LEU A 60 6.70 -3.93 -2.79
N ALA A 61 6.17 -2.78 -3.23
CA ALA A 61 6.76 -1.47 -2.96
C ALA A 61 5.68 -0.47 -2.55
N CYS A 62 5.95 0.29 -1.50
CA CYS A 62 5.00 1.28 -1.02
C CYS A 62 5.30 2.66 -1.63
N TYR A 63 4.25 3.36 -2.03
CA TYR A 63 4.33 4.65 -2.67
C TYR A 63 3.38 5.60 -1.95
N LEU A 64 3.59 6.91 -2.11
CA LEU A 64 2.84 7.93 -1.38
C LEU A 64 2.59 9.16 -2.25
N LEU A 65 1.30 9.52 -2.36
CA LEU A 65 0.84 10.74 -3.00
C LEU A 65 0.47 11.74 -1.93
N GLN A 66 1.06 12.93 -2.01
CA GLN A 66 0.71 14.05 -1.17
C GLN A 66 0.04 15.13 -2.01
N VAL A 67 -1.16 15.55 -1.62
CA VAL A 67 -1.88 16.61 -2.33
C VAL A 67 -1.88 17.83 -1.45
N TYR A 68 -1.47 18.97 -2.03
CA TYR A 68 -1.45 20.27 -1.38
C TYR A 68 -1.76 21.32 -2.45
N GLY A 69 -2.18 22.49 -2.02
CA GLY A 69 -2.28 23.62 -2.93
C GLY A 69 -3.71 23.89 -3.39
N TYR A 70 -3.94 25.14 -3.79
CA TYR A 70 -5.25 25.63 -4.20
C TYR A 70 -5.64 25.14 -5.57
N PRO A 71 -4.68 25.01 -6.51
CA PRO A 71 -4.97 24.30 -7.75
C PRO A 71 -4.46 22.86 -7.76
N LYS A 72 -4.25 22.27 -6.57
CA LYS A 72 -3.86 20.87 -6.41
C LYS A 72 -2.51 20.53 -7.05
N LYS A 73 -1.47 20.50 -6.22
CA LYS A 73 -0.16 20.01 -6.62
C LYS A 73 0.06 18.64 -5.99
N TYR A 74 0.83 17.80 -6.69
CA TYR A 74 1.10 16.43 -6.29
C TYR A 74 2.57 16.26 -5.91
N GLN A 75 2.82 15.34 -4.99
CA GLN A 75 4.17 14.91 -4.72
C GLN A 75 4.13 13.41 -4.52
N PHE A 76 4.97 12.70 -5.25
CA PHE A 76 4.93 11.26 -5.31
C PHE A 76 6.26 10.73 -4.83
N SER A 77 6.18 9.72 -3.97
CA SER A 77 7.36 9.25 -3.26
C SER A 77 7.28 7.73 -3.15
N GLN A 78 8.42 7.14 -2.86
CA GLN A 78 8.49 5.68 -2.78
C GLN A 78 9.33 5.29 -1.58
N TYR A 79 8.88 4.26 -0.87
CA TYR A 79 9.63 3.77 0.26
C TYR A 79 10.76 2.85 -0.21
N SER A 80 11.98 3.15 0.22
CA SER A 80 13.11 2.24 0.01
C SER A 80 14.24 2.64 0.94
N ASN A 81 14.76 1.63 1.65
CA ASN A 81 15.78 1.83 2.70
C ASN A 81 15.21 2.50 3.94
N MET A 82 13.97 2.18 4.32
CA MET A 82 13.31 2.83 5.46
C MET A 82 13.25 4.35 5.26
N GLU A 83 13.28 4.76 3.98
CA GLU A 83 13.32 6.16 3.57
C GLU A 83 12.27 6.41 2.51
N TRP A 84 11.66 7.59 2.59
CA TRP A 84 10.71 8.09 1.61
C TRP A 84 11.48 9.00 0.67
N LYS A 85 11.87 8.45 -0.49
CA LYS A 85 12.42 9.26 -1.56
C LYS A 85 11.29 9.70 -2.47
N VAL A 86 11.31 10.98 -2.83
CA VAL A 86 10.30 11.51 -3.73
C VAL A 86 10.64 11.11 -5.16
N CYS A 87 9.66 10.50 -5.85
CA CYS A 87 9.80 10.16 -7.26
C CYS A 87 9.75 11.41 -8.11
N SER A 88 10.44 11.38 -9.26
CA SER A 88 10.67 12.59 -10.04
C SER A 88 9.97 12.50 -11.39
N LEU A 89 9.14 13.50 -11.69
CA LEU A 89 8.37 13.55 -12.92
C LEU A 89 9.30 13.62 -14.11
N GLN A 90 9.11 12.72 -15.08
CA GLN A 90 9.93 12.70 -16.30
C GLN A 90 9.07 12.68 -17.56
N ASP A 91 9.69 13.09 -18.66
CA ASP A 91 9.08 13.10 -19.98
C ASP A 91 9.77 12.07 -20.87
N ILE A 92 9.01 11.54 -21.82
CA ILE A 92 9.47 10.37 -22.56
C ILE A 92 10.47 10.86 -23.62
N ARG A 93 11.62 11.38 -23.16
CA ARG A 93 12.66 11.96 -24.05
C ARG A 93 13.87 11.03 -24.26
N ALA B 2 6.38 -20.03 -0.40
CA ALA B 2 6.03 -20.05 -1.82
C ALA B 2 4.78 -20.89 -2.06
N ASN B 3 4.32 -20.89 -3.32
CA ASN B 3 3.16 -21.67 -3.78
C ASN B 3 1.91 -21.51 -2.91
N LEU B 4 1.72 -20.35 -2.28
CA LEU B 4 0.70 -20.19 -1.26
C LEU B 4 0.09 -18.80 -1.36
N TYR B 5 -1.24 -18.71 -1.40
CA TYR B 5 -1.94 -17.47 -1.72
C TYR B 5 -3.09 -17.20 -0.75
N TYR B 6 -3.60 -15.97 -0.82
CA TYR B 6 -4.63 -15.49 0.08
C TYR B 6 -5.91 -15.22 -0.70
N LYS B 7 -6.97 -15.99 -0.40
CA LYS B 7 -8.26 -15.84 -1.06
C LYS B 7 -9.09 -14.81 -0.32
N CYS B 8 -9.26 -13.63 -0.90
CA CYS B 8 -10.15 -12.60 -0.37
C CYS B 8 -11.37 -12.50 -1.29
N ASP B 9 -12.44 -11.85 -0.81
CA ASP B 9 -13.66 -11.82 -1.61
C ASP B 9 -13.44 -11.15 -2.96
N VAL B 10 -12.88 -9.96 -2.96
CA VAL B 10 -12.79 -9.19 -4.19
C VAL B 10 -11.34 -9.18 -4.66
N GLY B 11 -11.18 -9.22 -5.98
CA GLY B 11 -9.90 -9.03 -6.60
C GLY B 11 -9.11 -10.33 -6.70
N ASP B 12 -8.02 -10.25 -7.47
CA ASP B 12 -7.11 -11.37 -7.57
C ASP B 12 -6.66 -11.81 -6.19
N SER B 13 -6.42 -13.12 -6.08
CA SER B 13 -5.69 -13.63 -4.93
C SER B 13 -4.31 -12.99 -4.90
N VAL B 14 -3.77 -12.83 -3.70
CA VAL B 14 -2.51 -12.11 -3.54
C VAL B 14 -1.47 -13.06 -2.99
N ASN B 15 -0.25 -12.94 -3.49
CA ASN B 15 0.80 -13.88 -3.13
C ASN B 15 1.14 -13.71 -1.66
N LEU B 16 1.25 -14.83 -0.95
CA LEU B 16 1.53 -14.75 0.47
C LEU B 16 2.87 -14.07 0.70
N GLU B 17 3.86 -14.38 -0.13
CA GLU B 17 5.20 -13.87 0.11
C GLU B 17 5.23 -12.35 0.00
N GLU B 18 4.67 -11.81 -1.07
CA GLU B 18 4.54 -10.35 -1.17
C GLU B 18 3.84 -9.77 0.03
N VAL B 19 2.86 -10.47 0.60
CA VAL B 19 2.09 -9.92 1.71
C VAL B 19 2.96 -9.75 2.94
N LEU B 20 3.70 -10.81 3.28
CA LEU B 20 4.57 -10.80 4.45
C LEU B 20 5.60 -9.69 4.40
N ASN B 21 5.90 -9.15 3.22
CA ASN B 21 6.84 -8.05 3.06
C ASN B 21 6.24 -6.70 3.42
N MET B 22 4.95 -6.67 3.72
CA MET B 22 4.26 -5.49 4.23
C MET B 22 4.43 -5.34 5.73
N ASP B 23 5.18 -6.24 6.34
CA ASP B 23 5.58 -6.20 7.73
C ASP B 23 6.63 -5.12 7.97
N CYS B 24 6.50 -3.99 7.28
CA CYS B 24 7.44 -2.89 7.40
C CYS B 24 6.73 -1.68 7.97
N ASP B 25 7.52 -0.73 8.46
CA ASP B 25 6.96 0.35 9.24
C ASP B 25 6.18 1.34 8.37
N ALA B 26 6.51 1.46 7.08
CA ALA B 26 5.77 2.34 6.19
C ALA B 26 4.26 2.14 6.29
N ALA B 27 3.83 0.89 6.44
CA ALA B 27 2.42 0.53 6.41
C ALA B 27 1.80 0.40 7.79
N LEU B 28 2.60 0.57 8.84
CA LEU B 28 2.05 0.54 10.19
C LEU B 28 0.92 1.56 10.32
N THR B 29 -0.26 1.06 10.70
CA THR B 29 -1.37 1.86 11.23
C THR B 29 -1.83 1.19 12.52
N GLU B 30 -2.37 1.98 13.43
CA GLU B 30 -2.60 1.40 14.76
C GLU B 30 -3.84 0.53 14.77
N ASN B 31 -3.79 -0.51 15.59
CA ASN B 31 -4.94 -1.38 15.79
C ASN B 31 -6.08 -0.58 16.38
N ARG B 32 -7.29 -1.06 16.14
CA ARG B 32 -8.48 -0.43 16.70
C ARG B 32 -9.52 -1.52 16.84
N ASP B 33 -10.73 -1.14 17.24
CA ASP B 33 -11.87 -2.05 17.15
C ASP B 33 -12.10 -2.41 15.69
N GLU B 34 -13.24 -3.03 15.38
CA GLU B 34 -13.61 -3.53 14.03
C GLU B 34 -12.51 -4.22 13.26
N HIS B 35 -11.25 -3.83 13.47
CA HIS B 35 -10.14 -4.65 13.03
C HIS B 35 -10.36 -6.08 13.51
N PRO B 36 -10.11 -7.08 12.68
CA PRO B 36 -10.38 -8.45 13.10
C PRO B 36 -9.70 -8.77 14.43
N ARG B 37 -10.30 -9.69 15.18
CA ARG B 37 -9.73 -10.10 16.45
C ARG B 37 -8.66 -11.15 16.20
N ILE B 38 -7.47 -10.92 16.74
CA ILE B 38 -6.40 -11.92 16.60
C ILE B 38 -6.77 -13.16 17.43
N PRO B 39 -6.83 -14.34 16.80
CA PRO B 39 -7.50 -15.49 17.45
C PRO B 39 -6.95 -15.85 18.82
N THR B 40 -5.64 -16.04 18.91
CA THR B 40 -5.00 -16.38 20.19
C THR B 40 -5.38 -15.41 21.30
N GLY B 41 -5.15 -14.12 21.08
CA GLY B 41 -5.23 -13.12 22.14
C GLY B 41 -3.96 -12.32 22.33
N GLU B 42 -2.86 -12.68 21.67
CA GLU B 42 -1.58 -12.04 21.88
C GLU B 42 -1.57 -10.63 21.30
N SER B 43 -0.61 -9.84 21.78
CA SER B 43 -0.32 -8.56 21.16
C SER B 43 -0.16 -8.74 19.65
N HIS B 44 -0.68 -7.78 18.90
CA HIS B 44 -0.53 -7.80 17.46
C HIS B 44 -0.25 -6.38 16.98
N LYS B 45 0.51 -6.30 15.89
CA LYS B 45 0.73 -5.07 15.16
C LYS B 45 0.03 -5.20 13.81
N SER B 46 -0.63 -4.12 13.38
CA SER B 46 -1.33 -4.14 12.11
C SER B 46 -0.55 -3.31 11.09
N TYR B 47 -0.72 -3.67 9.82
CA TYR B 47 -0.10 -2.96 8.71
C TYR B 47 -1.17 -2.78 7.65
N PHE B 48 -1.37 -1.55 7.20
CA PHE B 48 -2.42 -1.22 6.25
C PHE B 48 -1.80 -0.81 4.93
N PHE B 49 -2.40 -1.27 3.84
CA PHE B 49 -1.98 -0.82 2.52
C PHE B 49 -3.15 -0.99 1.56
N THR B 50 -3.00 -0.39 0.39
CA THR B 50 -3.96 -0.51 -0.70
C THR B 50 -3.27 -1.02 -1.96
N LYS B 51 -3.77 -2.14 -2.47
CA LYS B 51 -3.28 -2.79 -3.68
C LYS B 51 -4.35 -2.67 -4.76
N ARG B 52 -3.96 -2.83 -6.01
CA ARG B 52 -4.95 -2.88 -7.08
C ARG B 52 -5.75 -4.17 -6.97
N ALA B 53 -7.06 -4.07 -7.21
CA ALA B 53 -7.95 -5.21 -7.10
C ALA B 53 -7.67 -6.26 -8.17
N CYS B 54 -7.95 -5.93 -9.43
CA CYS B 54 -7.77 -6.81 -10.58
C CYS B 54 -7.01 -6.06 -11.66
N ARG B 55 -6.71 -6.77 -12.75
CA ARG B 55 -6.21 -6.13 -13.97
C ARG B 55 -7.27 -6.18 -15.09
N LEU B 58 -10.90 -3.71 -11.86
CA LEU B 58 -9.86 -2.86 -12.44
C LEU B 58 -9.72 -1.57 -11.64
N GLY B 59 -9.90 -1.66 -10.32
CA GLY B 59 -9.92 -0.50 -9.42
C GLY B 59 -8.91 -0.65 -8.29
N LEU B 60 -9.32 -0.35 -7.03
CA LEU B 60 -8.46 -0.43 -5.84
C LEU B 60 -9.18 -1.10 -4.68
N ALA B 61 -8.42 -1.78 -3.82
CA ALA B 61 -8.98 -2.41 -2.63
C ALA B 61 -8.07 -2.22 -1.43
N CYS B 62 -8.64 -2.35 -0.24
CA CYS B 62 -7.91 -2.16 1.00
C CYS B 62 -7.65 -3.49 1.70
N TYR B 63 -6.50 -3.57 2.37
CA TYR B 63 -6.02 -4.80 2.97
C TYR B 63 -5.38 -4.50 4.32
N LEU B 64 -5.43 -5.50 5.21
CA LEU B 64 -4.82 -5.42 6.54
C LEU B 64 -4.00 -6.67 6.79
N LEU B 65 -2.80 -6.48 7.30
CA LEU B 65 -1.95 -7.58 7.77
C LEU B 65 -1.65 -7.38 9.24
N GLN B 66 -2.13 -8.28 10.09
CA GLN B 66 -1.85 -8.26 11.51
C GLN B 66 -0.81 -9.32 11.83
N VAL B 67 0.20 -8.96 12.61
CA VAL B 67 1.31 -9.83 12.97
C VAL B 67 1.31 -10.02 14.48
N TYR B 68 1.49 -11.24 14.93
CA TYR B 68 1.33 -11.54 16.34
C TYR B 68 1.94 -12.90 16.60
N GLY B 69 2.26 -13.14 17.86
CA GLY B 69 2.63 -14.45 18.35
C GLY B 69 4.07 -14.80 18.05
N TYR B 70 4.54 -15.85 18.73
CA TYR B 70 5.83 -16.43 18.42
C TYR B 70 5.67 -17.90 18.01
N PRO B 71 6.36 -18.37 16.96
CA PRO B 71 7.06 -17.57 15.94
C PRO B 71 6.06 -16.72 15.21
N LYS B 72 6.49 -15.77 14.36
CA LYS B 72 5.53 -14.88 13.71
C LYS B 72 4.40 -15.65 13.07
N LYS B 73 3.18 -15.16 13.32
CA LYS B 73 1.95 -15.65 12.72
C LYS B 73 1.19 -14.45 12.16
N TYR B 74 0.39 -14.69 11.12
CA TYR B 74 -0.16 -13.61 10.30
C TYR B 74 -1.67 -13.78 10.12
N GLN B 75 -2.36 -12.64 10.03
CA GLN B 75 -3.78 -12.61 9.70
C GLN B 75 -4.01 -11.56 8.63
N PHE B 76 -4.64 -11.96 7.55
CA PHE B 76 -4.86 -11.11 6.41
C PHE B 76 -6.35 -10.81 6.30
N SER B 77 -6.69 -9.53 6.07
CA SER B 77 -8.09 -9.11 5.97
C SER B 77 -8.24 -8.08 4.86
N GLN B 78 -9.41 -8.07 4.22
CA GLN B 78 -9.77 -7.14 3.15
C GLN B 78 -10.97 -6.33 3.61
N TYR B 79 -11.26 -5.21 2.92
CA TYR B 79 -12.42 -4.35 3.21
C TYR B 79 -13.47 -4.48 2.11
N SER B 80 -14.68 -4.92 2.48
CA SER B 80 -15.83 -4.93 1.57
C SER B 80 -17.12 -5.00 2.38
N ASN B 81 -18.10 -4.13 2.06
CA ASN B 81 -19.42 -4.10 2.73
C ASN B 81 -19.30 -3.66 4.19
N MET B 82 -18.59 -2.56 4.46
CA MET B 82 -18.28 -2.13 5.83
C MET B 82 -17.51 -3.17 6.62
N GLU B 83 -16.83 -4.10 5.96
CA GLU B 83 -16.35 -5.25 6.68
C GLU B 83 -14.84 -5.37 6.58
N TRP B 84 -14.28 -6.09 7.56
CA TRP B 84 -12.87 -6.51 7.54
C TRP B 84 -12.90 -8.02 7.40
N LYS B 85 -12.77 -8.50 6.17
CA LYS B 85 -13.01 -9.91 5.85
C LYS B 85 -11.68 -10.64 5.89
N VAL B 86 -11.47 -11.42 6.95
CA VAL B 86 -10.30 -12.28 7.02
C VAL B 86 -10.27 -13.17 5.80
N CYS B 87 -9.13 -13.18 5.10
CA CYS B 87 -8.95 -13.95 3.87
C CYS B 87 -8.55 -15.39 4.18
N SER B 88 -8.85 -16.30 3.23
CA SER B 88 -8.57 -17.72 3.37
C SER B 88 -7.32 -18.12 2.59
N LEU B 89 -6.62 -19.12 3.11
CA LEU B 89 -5.40 -19.64 2.48
C LEU B 89 -5.76 -20.83 1.57
N GLN B 90 -4.96 -21.04 0.52
CA GLN B 90 -5.28 -22.05 -0.50
C GLN B 90 -4.02 -22.50 -1.27
N ASP B 91 -4.03 -23.76 -1.75
CA ASP B 91 -2.97 -24.34 -2.58
C ASP B 91 -3.41 -24.45 -4.04
N ILE B 92 -2.44 -24.78 -4.90
CA ILE B 92 -2.73 -24.95 -6.33
C ILE B 92 -3.75 -26.06 -6.54
N ARG B 93 -3.44 -27.27 -6.07
CA ARG B 93 -4.34 -28.40 -6.19
C ARG B 93 -5.59 -28.18 -5.37
#